data_8S68
#
_entry.id   8S68
#
_cell.length_a   104.3
_cell.length_b   104.3
_cell.length_c   64.8
_cell.angle_alpha   90
_cell.angle_beta   90
_cell.angle_gamma   120
#
_symmetry.space_group_name_H-M   'P 63'
#
loop_
_entity.id
_entity.type
_entity.pdbx_description
1 polymer 'Copper-containing nitrite reductase'
2 non-polymer 'COPPER (II) ION'
3 non-polymer 'SULFATE ION'
4 non-polymer alpha-D-glucopyranose
5 non-polymer beta-D-fructofuranose
6 water water
#
_entity_poly.entity_id   1
_entity_poly.type   'polypeptide(L)'
_entity_poly.pdbx_seq_one_letter_code
;MLPMFTRRAALISAAATALMLATPALAADDLKLPRQKVELVAPPFVHAHEQATKQGPKIVEFKLTIEEKKVVIDEKGTTF
QAMTFNGSMPGPLMVVHEGDYVETTLVNPATNTMPHNIDFHSATGALGGGALTLINPGEQVVLRWKATKTGVFVYHCAPG
GPMIPWHVVSGMNGAVMVLPRDGLNDGKGHALKYDKVYYVGEQDMYVPRDEKGNFKSYDSPGEAFTDTEEMMKKLIPSHV
VFNGKVGALTGKNALTANVGENVLIVHSQANRDSRPHLIGGHGDYVWETGKFGNAPEVGLETWFIRGGSAGAAMYKFMQP
GIYAYVTHNLIEAADLGATAHFKVEGKWNDDLMTQVKAPAEIPANTN
;
_entity_poly.pdbx_strand_id   A
#
loop_
_chem_comp.id
_chem_comp.type
_chem_comp.name
_chem_comp.formula
CU non-polymer 'COPPER (II) ION' 'Cu 2'
FRU D-saccharide, beta linking beta-D-fructofuranose 'C6 H12 O6'
GLC D-saccharide, alpha linking alpha-D-glucopyranose 'C6 H12 O6'
SO4 non-polymer 'SULFATE ION' 'O4 S -2'
#
# COMPACT_ATOMS: atom_id res chain seq x y z
N ASP A 30 -32.62 -9.12 -0.02
CA ASP A 30 -33.14 -9.40 -1.38
C ASP A 30 -32.38 -8.57 -2.40
N LEU A 31 -31.04 -8.67 -2.36
CA LEU A 31 -30.17 -7.95 -3.29
C LEU A 31 -29.85 -8.87 -4.48
N LYS A 32 -30.47 -8.61 -5.65
CA LYS A 32 -30.34 -9.45 -6.83
C LYS A 32 -29.71 -8.66 -7.97
N LEU A 33 -28.43 -8.29 -7.80
CA LEU A 33 -27.57 -7.73 -8.82
C LEU A 33 -26.67 -8.83 -9.36
N PRO A 34 -26.03 -8.64 -10.53
CA PRO A 34 -25.03 -9.60 -11.01
C PRO A 34 -23.84 -9.72 -10.04
N ARG A 35 -23.25 -10.92 -10.00
CA ARG A 35 -22.07 -11.20 -9.19
C ARG A 35 -20.84 -11.33 -10.08
N GLN A 36 -19.70 -10.83 -9.57
CA GLN A 36 -18.44 -10.89 -10.29
C GLN A 36 -17.34 -11.26 -9.31
N LYS A 37 -16.62 -12.34 -9.61
CA LYS A 37 -15.47 -12.75 -8.83
CA LYS A 37 -15.48 -12.74 -8.81
C LYS A 37 -14.22 -12.02 -9.30
N VAL A 38 -13.34 -11.69 -8.34
CA VAL A 38 -12.05 -11.07 -8.62
C VAL A 38 -10.98 -12.02 -8.11
N GLU A 39 -9.98 -12.33 -8.96
CA GLU A 39 -8.76 -13.02 -8.55
C GLU A 39 -7.72 -11.96 -8.11
N LEU A 40 -7.55 -11.85 -6.79
CA LEU A 40 -6.59 -10.90 -6.24
C LEU A 40 -5.16 -11.28 -6.60
N VAL A 41 -4.29 -10.28 -6.75
CA VAL A 41 -2.89 -10.49 -7.04
C VAL A 41 -2.04 -9.77 -5.98
N ALA A 42 -0.84 -10.32 -5.77
CA ALA A 42 0.05 -9.80 -4.76
C ALA A 42 0.57 -8.42 -5.18
N PRO A 43 0.65 -7.50 -4.22
CA PRO A 43 1.28 -6.20 -4.44
CA PRO A 43 1.26 -6.20 -4.49
C PRO A 43 2.73 -6.34 -4.87
N PRO A 44 3.31 -5.38 -5.62
CA PRO A 44 2.67 -4.11 -5.96
C PRO A 44 1.75 -4.10 -7.17
N PHE A 45 1.53 -5.28 -7.77
CA PHE A 45 0.58 -5.39 -8.86
C PHE A 45 -0.85 -5.25 -8.36
N VAL A 46 -1.76 -4.96 -9.29
CA VAL A 46 -3.18 -4.80 -9.00
C VAL A 46 -4.00 -5.61 -10.01
N HIS A 47 -5.05 -6.28 -9.51
CA HIS A 47 -5.89 -7.11 -10.37
C HIS A 47 -6.49 -6.27 -11.50
N ALA A 48 -6.75 -6.92 -12.64
CA ALA A 48 -7.27 -6.23 -13.81
C ALA A 48 -8.63 -5.65 -13.50
N HIS A 49 -8.87 -4.43 -14.00
CA HIS A 49 -10.09 -3.70 -13.76
C HIS A 49 -10.27 -2.70 -14.90
N GLU A 50 -11.49 -2.18 -15.01
CA GLU A 50 -11.77 -1.06 -15.89
C GLU A 50 -11.68 0.23 -15.09
N GLN A 51 -11.28 1.32 -15.75
CA GLN A 51 -11.31 2.64 -15.14
C GLN A 51 -12.71 3.21 -15.32
N ALA A 52 -13.00 3.81 -16.46
CA ALA A 52 -14.37 4.16 -16.79
C ALA A 52 -15.11 2.89 -17.22
N THR A 53 -16.36 2.69 -16.81
CA THR A 53 -17.10 1.47 -17.15
C THR A 53 -18.54 1.85 -17.50
N LYS A 54 -19.16 1.03 -18.38
CA LYS A 54 -20.57 1.13 -18.70
C LYS A 54 -21.38 0.09 -17.91
N GLN A 55 -20.69 -0.74 -17.13
CA GLN A 55 -21.35 -1.61 -16.19
C GLN A 55 -22.12 -0.80 -15.16
N GLY A 56 -23.25 -1.35 -14.74
CA GLY A 56 -23.95 -0.84 -13.57
C GLY A 56 -23.39 -1.53 -12.32
N PRO A 57 -23.97 -1.22 -11.14
CA PRO A 57 -23.56 -1.86 -9.91
C PRO A 57 -23.63 -3.38 -9.96
N LYS A 58 -22.65 -4.00 -9.30
CA LYS A 58 -22.48 -5.43 -9.23
C LYS A 58 -22.14 -5.74 -7.79
N ILE A 59 -22.35 -6.98 -7.40
CA ILE A 59 -21.76 -7.56 -6.21
C ILE A 59 -20.39 -8.13 -6.59
N VAL A 60 -19.33 -7.49 -6.10
CA VAL A 60 -17.98 -7.94 -6.41
C VAL A 60 -17.48 -8.77 -5.25
N GLU A 61 -17.01 -9.99 -5.54
CA GLU A 61 -16.70 -10.99 -4.54
C GLU A 61 -15.19 -11.15 -4.44
N PHE A 62 -14.69 -11.06 -3.20
CA PHE A 62 -13.27 -11.21 -2.88
C PHE A 62 -13.09 -12.19 -1.72
N LYS A 63 -11.93 -12.86 -1.68
CA LYS A 63 -11.62 -13.73 -0.57
CA LYS A 63 -11.60 -13.75 -0.59
C LYS A 63 -10.26 -13.33 -0.02
N LEU A 64 -10.18 -13.20 1.31
CA LEU A 64 -8.95 -12.97 2.00
C LEU A 64 -8.72 -14.07 3.03
N THR A 65 -7.51 -14.65 3.04
CA THR A 65 -7.16 -15.73 3.93
C THR A 65 -6.01 -15.23 4.79
N ILE A 66 -6.22 -15.22 6.09
CA ILE A 66 -5.22 -14.71 7.03
C ILE A 66 -4.08 -15.70 7.17
N GLU A 67 -2.85 -15.18 7.16
CA GLU A 67 -1.71 -16.04 7.43
C GLU A 67 -0.77 -15.38 8.43
N GLU A 68 -0.52 -16.05 9.57
CA GLU A 68 0.51 -15.65 10.50
C GLU A 68 1.79 -16.41 10.12
N LYS A 69 2.93 -15.71 10.05
CA LYS A 69 4.15 -16.35 9.61
C LYS A 69 5.38 -15.50 9.98
N LYS A 70 6.46 -16.20 10.26
CA LYS A 70 7.76 -15.61 10.49
C LYS A 70 8.42 -15.34 9.14
N VAL A 71 8.83 -14.09 8.94
CA VAL A 71 9.44 -13.64 7.71
C VAL A 71 10.77 -12.91 7.95
N VAL A 72 11.59 -12.82 6.91
CA VAL A 72 12.83 -12.06 6.92
C VAL A 72 12.54 -10.66 6.33
N ILE A 73 12.94 -9.59 7.05
CA ILE A 73 12.55 -8.25 6.63
C ILE A 73 13.73 -7.43 6.16
N ASP A 74 14.98 -7.92 6.29
CA ASP A 74 16.12 -7.16 5.83
C ASP A 74 17.24 -8.05 5.29
N GLU A 75 18.25 -7.39 4.74
CA GLU A 75 19.36 -8.05 4.06
CA GLU A 75 19.37 -8.04 4.07
C GLU A 75 20.31 -8.72 5.06
N LYS A 76 20.26 -8.33 6.35
CA LYS A 76 21.08 -8.97 7.37
C LYS A 76 20.40 -10.21 7.93
N GLY A 77 19.18 -10.51 7.50
CA GLY A 77 18.49 -11.73 7.93
C GLY A 77 17.63 -11.55 9.18
N THR A 78 17.33 -10.31 9.57
CA THR A 78 16.44 -10.06 10.70
C THR A 78 15.07 -10.69 10.43
N THR A 79 14.50 -11.37 11.42
CA THR A 79 13.19 -12.00 11.31
C THR A 79 12.15 -11.17 12.06
N PHE A 80 10.90 -11.45 11.73
CA PHE A 80 9.75 -10.72 12.19
C PHE A 80 8.55 -11.64 12.17
N GLN A 81 7.76 -11.53 13.22
CA GLN A 81 6.52 -12.29 13.35
C GLN A 81 5.44 -11.48 12.66
N ALA A 82 5.17 -11.85 11.41
CA ALA A 82 4.18 -11.16 10.62
C ALA A 82 2.79 -11.80 10.72
N MET A 83 1.78 -10.97 10.54
CA MET A 83 0.42 -11.42 10.38
CA MET A 83 0.38 -11.36 10.42
C MET A 83 -0.13 -10.67 9.19
N THR A 84 -0.71 -11.40 8.23
CA THR A 84 -1.04 -10.86 6.93
C THR A 84 -2.41 -11.28 6.43
N PHE A 85 -2.96 -10.49 5.51
CA PHE A 85 -4.03 -10.91 4.64
C PHE A 85 -3.42 -11.45 3.35
N ASN A 86 -3.76 -12.71 3.01
CA ASN A 86 -3.34 -13.31 1.74
C ASN A 86 -1.84 -13.53 1.66
N GLY A 87 -1.13 -13.52 2.80
CA GLY A 87 0.26 -13.88 2.88
C GLY A 87 1.24 -12.75 2.54
N SER A 88 0.74 -11.54 2.26
CA SER A 88 1.60 -10.44 1.79
C SER A 88 1.47 -9.26 2.74
N MET A 89 2.53 -8.44 2.80
CA MET A 89 2.46 -7.10 3.37
C MET A 89 2.81 -6.11 2.25
N PRO A 90 1.90 -5.20 1.87
CA PRO A 90 0.54 -5.08 2.42
C PRO A 90 -0.34 -6.21 1.87
N GLY A 91 -1.56 -6.26 2.37
CA GLY A 91 -2.62 -7.02 1.74
C GLY A 91 -2.90 -6.50 0.34
N PRO A 92 -3.50 -7.34 -0.50
CA PRO A 92 -3.77 -6.93 -1.88
C PRO A 92 -4.72 -5.75 -2.02
N LEU A 93 -4.51 -4.99 -3.09
CA LEU A 93 -5.41 -3.91 -3.45
C LEU A 93 -6.69 -4.50 -4.06
N MET A 94 -7.84 -4.12 -3.51
CA MET A 94 -9.14 -4.46 -4.07
CA MET A 94 -9.14 -4.45 -4.09
C MET A 94 -9.66 -3.26 -4.87
N VAL A 95 -10.16 -3.48 -6.12
CA VAL A 95 -10.62 -2.39 -6.94
C VAL A 95 -12.07 -2.60 -7.36
N VAL A 96 -12.90 -1.59 -7.09
CA VAL A 96 -14.32 -1.59 -7.43
C VAL A 96 -14.72 -0.20 -7.88
N HIS A 97 -15.98 -0.07 -8.34
CA HIS A 97 -16.55 1.22 -8.70
C HIS A 97 -17.62 1.69 -7.71
N GLU A 98 -17.82 3.00 -7.70
CA GLU A 98 -18.78 3.64 -6.83
C GLU A 98 -20.15 2.99 -7.05
N GLY A 99 -20.78 2.58 -5.96
CA GLY A 99 -22.10 1.96 -6.03
C GLY A 99 -22.08 0.44 -6.08
N ASP A 100 -20.92 -0.16 -6.36
CA ASP A 100 -20.80 -1.61 -6.23
C ASP A 100 -21.00 -2.03 -4.79
N TYR A 101 -21.31 -3.30 -4.62
CA TYR A 101 -21.35 -3.91 -3.30
C TYR A 101 -20.18 -4.87 -3.23
N VAL A 102 -19.36 -4.74 -2.18
CA VAL A 102 -18.17 -5.52 -2.00
C VAL A 102 -18.45 -6.60 -0.99
N GLU A 103 -18.35 -7.83 -1.44
CA GLU A 103 -18.63 -8.97 -0.60
C GLU A 103 -17.34 -9.73 -0.35
N THR A 104 -16.88 -9.70 0.89
CA THR A 104 -15.62 -10.30 1.26
C THR A 104 -15.83 -11.50 2.15
N THR A 105 -15.21 -12.63 1.75
CA THR A 105 -15.07 -13.79 2.60
C THR A 105 -13.73 -13.71 3.28
N LEU A 106 -13.77 -13.56 4.61
CA LEU A 106 -12.56 -13.56 5.40
C LEU A 106 -12.44 -14.93 6.04
N VAL A 107 -11.27 -15.55 5.89
CA VAL A 107 -10.97 -16.89 6.37
C VAL A 107 -9.80 -16.84 7.33
N ASN A 108 -10.00 -17.44 8.50
CA ASN A 108 -8.95 -17.54 9.50
C ASN A 108 -8.66 -19.00 9.73
N PRO A 109 -7.72 -19.61 8.98
CA PRO A 109 -7.48 -21.05 9.11
C PRO A 109 -7.04 -21.44 10.51
N ALA A 110 -7.23 -22.73 10.82
CA ALA A 110 -6.92 -23.29 12.12
C ALA A 110 -5.43 -23.37 12.41
N THR A 111 -4.58 -23.21 11.39
CA THR A 111 -3.14 -23.09 11.57
C THR A 111 -2.71 -21.75 12.21
N ASN A 112 -3.60 -20.74 12.27
CA ASN A 112 -3.33 -19.51 12.99
C ASN A 112 -3.64 -19.70 14.48
N THR A 113 -3.15 -18.76 15.30
CA THR A 113 -3.24 -18.83 16.75
C THR A 113 -4.18 -17.78 17.36
N MET A 114 -4.60 -16.77 16.60
CA MET A 114 -5.25 -15.59 17.16
CA MET A 114 -5.29 -15.64 17.18
C MET A 114 -6.57 -15.35 16.44
N PRO A 115 -7.56 -14.71 17.10
CA PRO A 115 -8.71 -14.15 16.41
CA PRO A 115 -8.71 -14.16 16.40
C PRO A 115 -8.27 -12.97 15.56
N HIS A 116 -9.01 -12.71 14.47
CA HIS A 116 -8.73 -11.60 13.56
C HIS A 116 -10.07 -11.09 13.06
N ASN A 117 -10.07 -9.92 12.44
CA ASN A 117 -11.24 -9.38 11.77
C ASN A 117 -10.79 -8.46 10.65
N ILE A 118 -11.74 -7.71 10.08
CA ILE A 118 -11.36 -6.73 9.11
C ILE A 118 -12.24 -5.49 9.24
N ASP A 119 -11.60 -4.31 9.08
CA ASP A 119 -12.19 -2.99 9.12
C ASP A 119 -11.85 -2.32 7.79
N PHE A 120 -12.88 -1.96 7.01
CA PHE A 120 -12.69 -1.19 5.80
C PHE A 120 -13.00 0.29 6.03
N HIS A 121 -12.03 1.20 5.80
CA HIS A 121 -12.29 2.63 5.95
C HIS A 121 -13.26 3.14 4.88
N SER A 122 -13.47 2.36 3.81
CA SER A 122 -14.40 2.72 2.72
C SER A 122 -15.86 2.46 3.10
N ALA A 123 -16.09 1.66 4.16
CA ALA A 123 -17.39 1.10 4.50
C ALA A 123 -18.05 1.94 5.60
N THR A 124 -19.39 1.87 5.68
CA THR A 124 -20.15 2.66 6.66
C THR A 124 -20.86 1.73 7.65
N GLY A 125 -20.53 1.91 8.94
CA GLY A 125 -21.15 1.19 10.05
C GLY A 125 -20.25 0.09 10.63
N ALA A 126 -20.63 -0.33 11.84
CA ALA A 126 -20.09 -1.46 12.58
C ALA A 126 -18.56 -1.41 12.63
N LEU A 127 -18.03 -0.24 12.95
CA LEU A 127 -16.59 -0.07 13.00
C LEU A 127 -15.91 -0.52 11.70
N GLY A 128 -16.51 -0.15 10.56
CA GLY A 128 -15.99 -0.46 9.24
C GLY A 128 -16.10 -1.95 8.90
N GLY A 129 -16.91 -2.68 9.64
CA GLY A 129 -17.08 -4.12 9.50
C GLY A 129 -16.39 -4.90 10.58
N GLY A 130 -15.55 -4.24 11.37
CA GLY A 130 -14.81 -4.96 12.37
C GLY A 130 -15.74 -5.67 13.35
N ALA A 131 -16.83 -4.98 13.72
CA ALA A 131 -17.75 -5.50 14.73
C ALA A 131 -18.56 -6.70 14.20
N LEU A 132 -18.45 -7.01 12.91
CA LEU A 132 -19.23 -8.07 12.29
C LEU A 132 -18.33 -9.18 11.73
N THR A 133 -17.00 -9.06 11.86
CA THR A 133 -16.10 -10.01 11.19
C THR A 133 -15.11 -10.68 12.13
N LEU A 134 -15.30 -10.63 13.46
CA LEU A 134 -14.35 -11.29 14.35
C LEU A 134 -14.47 -12.81 14.27
N ILE A 135 -13.37 -13.49 13.91
CA ILE A 135 -13.32 -14.91 13.66
C ILE A 135 -12.13 -15.53 14.37
N ASN A 136 -12.42 -16.64 15.03
CA ASN A 136 -11.38 -17.48 15.62
C ASN A 136 -10.74 -18.37 14.58
N PRO A 137 -9.54 -18.90 14.87
CA PRO A 137 -8.91 -19.86 13.96
C PRO A 137 -9.91 -20.99 13.74
N GLY A 138 -10.11 -21.33 12.46
CA GLY A 138 -11.05 -22.37 12.06
C GLY A 138 -12.36 -21.83 11.52
N GLU A 139 -12.56 -20.50 11.52
CA GLU A 139 -13.81 -19.89 11.12
C GLU A 139 -13.61 -18.97 9.92
N GLN A 140 -14.70 -18.69 9.22
CA GLN A 140 -14.75 -17.69 8.16
C GLN A 140 -16.05 -16.93 8.32
N VAL A 141 -16.11 -15.75 7.70
CA VAL A 141 -17.27 -14.86 7.76
C VAL A 141 -17.41 -14.18 6.41
N VAL A 142 -18.61 -13.72 6.08
CA VAL A 142 -18.88 -13.01 4.86
C VAL A 142 -19.59 -11.69 5.16
N LEU A 143 -18.94 -10.58 4.76
CA LEU A 143 -19.41 -9.23 4.97
C LEU A 143 -19.69 -8.61 3.63
N ARG A 144 -20.79 -7.85 3.51
CA ARG A 144 -21.01 -7.05 2.33
CA ARG A 144 -21.04 -7.05 2.33
C ARG A 144 -21.18 -5.58 2.72
N TRP A 145 -20.53 -4.69 1.99
CA TRP A 145 -20.72 -3.26 2.18
C TRP A 145 -20.82 -2.58 0.83
N LYS A 146 -21.57 -1.49 0.82
CA LYS A 146 -21.79 -0.69 -0.35
C LYS A 146 -20.71 0.39 -0.46
N ALA A 147 -20.11 0.50 -1.66
CA ALA A 147 -19.04 1.45 -1.91
C ALA A 147 -19.59 2.82 -2.27
N THR A 148 -20.00 3.60 -1.25
CA THR A 148 -20.63 4.89 -1.47
C THR A 148 -19.62 6.02 -1.58
N LYS A 149 -18.34 5.80 -1.27
CA LYS A 149 -17.37 6.91 -1.23
C LYS A 149 -16.21 6.58 -2.17
N THR A 150 -15.83 7.49 -3.09
CA THR A 150 -14.74 7.22 -4.01
C THR A 150 -13.39 7.58 -3.40
N GLY A 151 -12.38 6.87 -3.87
CA GLY A 151 -11.02 7.10 -3.42
C GLY A 151 -10.30 5.81 -3.16
N VAL A 152 -9.11 5.94 -2.56
CA VAL A 152 -8.34 4.83 -2.05
C VAL A 152 -8.45 4.88 -0.53
N PHE A 153 -8.64 3.72 0.06
CA PHE A 153 -8.93 3.61 1.49
C PHE A 153 -8.14 2.49 2.12
N VAL A 154 -7.72 2.64 3.39
CA VAL A 154 -7.11 1.53 4.08
C VAL A 154 -8.12 0.50 4.55
N TYR A 155 -7.69 -0.77 4.58
CA TYR A 155 -8.39 -1.80 5.35
C TYR A 155 -7.38 -2.43 6.29
N HIS A 156 -7.83 -2.84 7.48
CA HIS A 156 -6.88 -3.43 8.41
C HIS A 156 -7.63 -4.27 9.44
N CYS A 157 -6.90 -5.11 10.15
CA CYS A 157 -7.44 -5.92 11.23
C CYS A 157 -7.59 -4.99 12.44
N ALA A 158 -8.60 -5.26 13.30
CA ALA A 158 -8.78 -4.44 14.48
C ALA A 158 -9.56 -5.21 15.54
N PRO A 159 -8.91 -6.21 16.19
N PRO A 159 -8.95 -6.26 16.14
CA PRO A 159 -9.63 -7.15 17.05
CA PRO A 159 -9.69 -7.15 17.04
C PRO A 159 -9.72 -6.77 18.52
C PRO A 159 -10.33 -6.46 18.24
N GLY A 160 -9.62 -5.46 18.78
CA GLY A 160 -10.06 -4.82 20.02
C GLY A 160 -8.90 -4.43 20.94
N GLY A 161 -9.02 -3.25 21.55
CA GLY A 161 -8.07 -2.84 22.57
C GLY A 161 -6.63 -2.78 22.06
N PRO A 162 -5.65 -3.12 22.92
CA PRO A 162 -4.23 -3.11 22.54
C PRO A 162 -3.86 -3.99 21.36
N MET A 163 -4.77 -4.93 21.04
CA MET A 163 -4.53 -5.80 19.89
C MET A 163 -4.60 -5.02 18.60
N ILE A 164 -5.33 -3.91 18.57
CA ILE A 164 -5.54 -3.22 17.31
C ILE A 164 -4.20 -2.75 16.75
N PRO A 165 -3.40 -1.91 17.45
CA PRO A 165 -2.13 -1.49 16.88
C PRO A 165 -1.24 -2.68 16.61
N TRP A 166 -1.21 -3.66 17.51
CA TRP A 166 -0.28 -4.75 17.30
C TRP A 166 -0.54 -5.54 16.00
N HIS A 167 -1.79 -5.87 15.70
CA HIS A 167 -2.08 -6.59 14.48
C HIS A 167 -1.74 -5.74 13.25
N VAL A 168 -2.00 -4.43 13.34
CA VAL A 168 -1.76 -3.55 12.19
C VAL A 168 -0.27 -3.42 11.91
N VAL A 169 0.56 -3.17 12.95
CA VAL A 169 1.98 -3.02 12.69
C VAL A 169 2.68 -4.37 12.46
N SER A 170 1.97 -5.50 12.67
CA SER A 170 2.46 -6.83 12.35
C SER A 170 2.23 -7.15 10.88
N GLY A 171 1.49 -6.30 10.16
CA GLY A 171 1.34 -6.45 8.74
C GLY A 171 -0.10 -6.49 8.25
N MET A 172 -1.09 -6.50 9.14
CA MET A 172 -2.45 -6.76 8.74
C MET A 172 -3.12 -5.49 8.27
N ASN A 173 -2.78 -5.08 7.06
CA ASN A 173 -3.38 -3.91 6.47
C ASN A 173 -3.15 -3.97 4.97
N GLY A 174 -4.07 -3.35 4.26
CA GLY A 174 -4.04 -3.26 2.80
C GLY A 174 -4.89 -2.07 2.37
N ALA A 175 -5.37 -2.07 1.10
CA ALA A 175 -6.15 -0.94 0.65
C ALA A 175 -7.21 -1.37 -0.37
N VAL A 176 -8.21 -0.52 -0.53
CA VAL A 176 -9.22 -0.71 -1.56
CA VAL A 176 -9.29 -0.66 -1.50
C VAL A 176 -9.32 0.60 -2.33
N MET A 177 -9.57 0.48 -3.64
CA MET A 177 -9.74 1.65 -4.48
C MET A 177 -11.16 1.58 -5.05
N VAL A 178 -11.90 2.65 -4.80
CA VAL A 178 -13.26 2.84 -5.29
C VAL A 178 -13.21 3.92 -6.36
N LEU A 179 -13.34 3.50 -7.63
CA LEU A 179 -13.27 4.40 -8.76
C LEU A 179 -14.63 5.01 -9.07
N PRO A 180 -14.68 6.27 -9.54
CA PRO A 180 -15.89 6.79 -10.19
C PRO A 180 -16.20 5.92 -11.40
N ARG A 181 -17.47 5.78 -11.77
CA ARG A 181 -17.81 5.02 -12.98
C ARG A 181 -17.29 5.67 -14.26
N ASP A 182 -17.11 6.99 -14.27
CA ASP A 182 -16.56 7.66 -15.43
C ASP A 182 -15.03 7.72 -15.39
N GLY A 183 -14.39 7.02 -14.46
CA GLY A 183 -12.95 7.10 -14.35
C GLY A 183 -12.51 8.37 -13.62
N LEU A 184 -11.19 8.58 -13.54
CA LEU A 184 -10.63 9.73 -12.85
C LEU A 184 -10.68 10.97 -13.75
N ASN A 185 -10.77 12.15 -13.10
CA ASN A 185 -10.72 13.44 -13.78
C ASN A 185 -9.87 14.43 -13.01
N ASP A 186 -9.48 15.52 -13.72
CA ASP A 186 -8.58 16.53 -13.20
C ASP A 186 -9.29 17.68 -12.48
N GLY A 187 -10.59 17.61 -12.32
CA GLY A 187 -11.29 18.67 -11.65
C GLY A 187 -11.67 19.82 -12.59
N LYS A 188 -11.21 19.75 -13.84
CA LYS A 188 -11.44 20.78 -14.84
C LYS A 188 -12.13 20.19 -16.07
N GLY A 189 -12.68 18.98 -15.90
N GLY A 189 -12.75 19.02 -15.91
CA GLY A 189 -13.52 18.35 -16.91
CA GLY A 189 -13.49 18.39 -17.00
C GLY A 189 -12.76 17.35 -17.78
C GLY A 189 -12.56 17.78 -18.05
N HIS A 190 -11.42 17.25 -17.61
CA HIS A 190 -10.58 16.40 -18.45
C HIS A 190 -10.32 15.09 -17.73
N ALA A 191 -10.52 13.99 -18.48
CA ALA A 191 -10.24 12.63 -18.04
C ALA A 191 -8.76 12.48 -17.74
N LEU A 192 -8.44 11.67 -16.72
CA LEU A 192 -7.09 11.26 -16.38
C LEU A 192 -7.05 9.74 -16.42
N LYS A 193 -6.44 9.18 -17.44
CA LYS A 193 -6.41 7.74 -17.59
C LYS A 193 -4.98 7.27 -17.37
N TYR A 194 -4.82 6.28 -16.50
CA TYR A 194 -3.52 5.73 -16.23
C TYR A 194 -3.30 4.49 -17.10
N ASP A 195 -2.05 4.31 -17.49
CA ASP A 195 -1.60 3.18 -18.30
C ASP A 195 -1.27 1.99 -17.42
N LYS A 196 -0.87 2.27 -16.18
CA LYS A 196 -0.74 1.21 -15.19
C LYS A 196 -0.81 1.78 -13.77
N VAL A 197 -1.09 0.87 -12.82
CA VAL A 197 -1.19 1.24 -11.42
C VAL A 197 -0.31 0.29 -10.62
N TYR A 198 0.41 0.85 -9.63
CA TYR A 198 1.10 0.09 -8.61
C TYR A 198 0.60 0.47 -7.23
N TYR A 199 0.62 -0.51 -6.33
CA TYR A 199 0.25 -0.28 -4.95
C TYR A 199 1.49 -0.49 -4.08
N VAL A 200 1.88 0.60 -3.42
CA VAL A 200 2.99 0.56 -2.47
C VAL A 200 2.43 0.70 -1.07
N GLY A 201 2.55 -0.35 -0.27
CA GLY A 201 2.13 -0.32 1.12
C GLY A 201 3.37 -0.18 1.97
N GLU A 202 3.39 0.90 2.78
CA GLU A 202 4.50 1.16 3.67
C GLU A 202 4.13 0.59 5.05
N GLN A 203 5.11 -0.10 5.66
CA GLN A 203 4.87 -0.70 6.97
C GLN A 203 5.96 -0.26 7.93
N ASP A 204 5.55 0.35 9.04
CA ASP A 204 6.42 0.65 10.19
C ASP A 204 6.48 -0.64 11.00
N MET A 205 7.67 -1.13 11.32
CA MET A 205 7.82 -2.33 12.13
C MET A 205 8.63 -2.05 13.38
N TYR A 206 8.35 -2.81 14.44
CA TYR A 206 8.96 -2.56 15.73
C TYR A 206 9.59 -3.88 16.18
N VAL A 207 10.89 -4.04 15.92
CA VAL A 207 11.61 -5.23 16.32
C VAL A 207 12.54 -4.88 17.48
N PRO A 208 12.32 -5.49 18.64
CA PRO A 208 13.18 -5.18 19.80
C PRO A 208 14.58 -5.74 19.62
N ARG A 209 15.52 -5.19 20.39
CA ARG A 209 16.91 -5.59 20.40
C ARG A 209 17.24 -6.20 21.77
N ASP A 210 18.28 -7.04 21.82
CA ASP A 210 18.74 -7.60 23.09
C ASP A 210 19.76 -6.65 23.69
N GLU A 211 20.33 -7.03 24.84
CA GLU A 211 21.31 -6.20 25.56
C GLU A 211 22.49 -5.80 24.65
N LYS A 212 23.04 -6.75 23.89
CA LYS A 212 24.21 -6.44 23.08
C LYS A 212 23.87 -5.59 21.85
N GLY A 213 22.58 -5.44 21.56
CA GLY A 213 22.16 -4.53 20.52
C GLY A 213 21.72 -5.25 19.24
N ASN A 214 21.57 -6.57 19.25
CA ASN A 214 21.10 -7.28 18.08
C ASN A 214 19.58 -7.46 18.11
N PHE A 215 18.96 -7.52 16.94
CA PHE A 215 17.52 -7.71 16.89
C PHE A 215 17.17 -9.09 17.40
N LYS A 216 16.04 -9.17 18.11
CA LYS A 216 15.57 -10.40 18.71
C LYS A 216 14.68 -11.19 17.75
N SER A 217 14.71 -12.52 17.91
CA SER A 217 13.89 -13.45 17.16
CA SER A 217 13.88 -13.45 17.16
CA SER A 217 13.83 -13.40 17.15
C SER A 217 12.91 -14.13 18.12
N TYR A 218 11.72 -14.42 17.66
CA TYR A 218 10.72 -15.04 18.52
C TYR A 218 10.12 -16.27 17.85
N ASP A 219 9.56 -17.19 18.66
CA ASP A 219 9.03 -18.43 18.12
C ASP A 219 7.58 -18.27 17.69
N SER A 220 6.92 -17.22 18.17
CA SER A 220 5.51 -17.08 17.88
C SER A 220 5.14 -15.62 18.00
N PRO A 221 4.03 -15.19 17.39
CA PRO A 221 3.52 -13.84 17.60
C PRO A 221 3.27 -13.56 19.09
N GLY A 222 2.63 -14.53 19.78
CA GLY A 222 2.35 -14.41 21.21
C GLY A 222 3.59 -14.07 22.03
N GLU A 223 4.71 -14.73 21.73
CA GLU A 223 5.93 -14.56 22.49
C GLU A 223 6.58 -13.21 22.19
N ALA A 224 6.29 -12.65 21.02
CA ALA A 224 6.91 -11.41 20.58
C ALA A 224 6.17 -10.22 21.20
N PHE A 225 4.94 -10.47 21.67
CA PHE A 225 4.01 -9.44 22.04
C PHE A 225 4.59 -8.53 23.12
N THR A 226 5.07 -9.09 24.22
CA THR A 226 5.41 -8.22 25.35
C THR A 226 6.50 -7.22 24.99
N ASP A 227 7.61 -7.72 24.43
CA ASP A 227 8.74 -6.90 24.05
C ASP A 227 8.34 -5.95 22.91
N THR A 228 7.43 -6.40 22.08
CA THR A 228 7.08 -5.59 20.90
C THR A 228 6.22 -4.41 21.37
N GLU A 229 5.26 -4.68 22.24
CA GLU A 229 4.40 -3.63 22.75
C GLU A 229 5.18 -2.55 23.51
N GLU A 230 6.14 -2.95 24.35
CA GLU A 230 7.01 -2.00 25.02
C GLU A 230 7.69 -1.05 24.03
N MET A 231 8.18 -1.60 22.90
CA MET A 231 8.85 -0.77 21.92
C MET A 231 7.88 0.11 21.15
N MET A 232 6.74 -0.47 20.81
CA MET A 232 5.71 0.26 20.07
C MET A 232 5.34 1.53 20.83
N LYS A 233 5.22 1.45 22.15
CA LYS A 233 4.73 2.60 22.92
C LYS A 233 5.72 3.76 22.93
N LYS A 234 6.99 3.51 22.54
CA LYS A 234 7.98 4.55 22.40
C LYS A 234 7.96 5.21 21.03
N LEU A 235 7.15 4.68 20.10
CA LEU A 235 6.75 5.36 18.85
C LEU A 235 7.85 5.46 17.77
N ILE A 236 9.01 4.82 17.96
CA ILE A 236 10.06 4.88 16.95
C ILE A 236 10.25 3.50 16.30
N PRO A 237 9.94 3.32 15.00
CA PRO A 237 10.12 2.01 14.36
C PRO A 237 11.59 1.66 14.16
N SER A 238 11.87 0.34 14.12
CA SER A 238 13.20 -0.18 13.79
C SER A 238 13.39 -0.27 12.29
N HIS A 239 12.27 -0.46 11.58
CA HIS A 239 12.30 -0.62 10.13
C HIS A 239 11.06 0.08 9.57
N VAL A 240 11.23 0.63 8.38
CA VAL A 240 10.12 1.18 7.62
C VAL A 240 10.30 0.67 6.19
N VAL A 241 9.38 -0.18 5.71
CA VAL A 241 9.64 -0.92 4.49
C VAL A 241 8.44 -0.80 3.54
N PHE A 242 8.74 -0.93 2.24
CA PHE A 242 7.72 -1.08 1.22
C PHE A 242 7.58 -2.54 0.83
N ASN A 243 6.34 -2.99 0.72
CA ASN A 243 6.02 -4.33 0.26
C ASN A 243 6.72 -5.34 1.15
N GLY A 244 6.88 -5.05 2.45
CA GLY A 244 7.18 -6.11 3.42
C GLY A 244 8.65 -6.33 3.81
N LYS A 245 9.61 -5.75 3.08
CA LYS A 245 11.01 -6.08 3.27
CA LYS A 245 11.00 -5.99 3.40
C LYS A 245 11.89 -4.96 2.72
N VAL A 246 13.07 -4.76 3.30
CA VAL A 246 14.07 -3.89 2.71
C VAL A 246 14.40 -4.44 1.33
N GLY A 247 14.34 -3.53 0.35
CA GLY A 247 14.75 -3.84 -1.02
C GLY A 247 13.71 -4.65 -1.78
N ALA A 248 12.47 -4.69 -1.30
CA ALA A 248 11.47 -5.52 -1.94
C ALA A 248 11.23 -5.03 -3.36
N LEU A 249 11.21 -3.70 -3.58
CA LEU A 249 10.86 -3.17 -4.87
C LEU A 249 12.10 -2.60 -5.56
N THR A 250 13.19 -3.37 -5.52
CA THR A 250 14.45 -3.00 -6.17
C THR A 250 14.91 -4.24 -6.94
N GLY A 251 15.92 -4.07 -7.80
CA GLY A 251 16.53 -5.18 -8.54
C GLY A 251 15.56 -5.78 -9.55
N LYS A 252 15.49 -7.12 -9.59
CA LYS A 252 14.54 -7.85 -10.42
C LYS A 252 13.11 -7.37 -10.19
N ASN A 253 12.81 -6.89 -8.97
CA ASN A 253 11.45 -6.51 -8.62
C ASN A 253 11.26 -4.99 -8.61
N ALA A 254 12.15 -4.25 -9.26
CA ALA A 254 11.89 -2.83 -9.53
C ALA A 254 10.58 -2.65 -10.30
N LEU A 255 9.91 -1.53 -9.98
CA LEU A 255 8.77 -1.06 -10.74
C LEU A 255 9.28 -0.61 -12.11
N THR A 256 8.43 -0.62 -13.12
CA THR A 256 8.90 -0.28 -14.47
C THR A 256 7.89 0.63 -15.14
N ALA A 257 8.39 1.36 -16.15
CA ALA A 257 7.59 2.20 -16.99
C ALA A 257 8.41 2.50 -18.24
N ASN A 258 7.74 3.16 -19.19
CA ASN A 258 8.38 3.72 -20.36
C ASN A 258 8.08 5.20 -20.41
N VAL A 259 9.01 5.96 -21.01
CA VAL A 259 8.76 7.37 -21.33
C VAL A 259 7.45 7.46 -22.07
N GLY A 260 6.57 8.37 -21.61
CA GLY A 260 5.27 8.56 -22.19
C GLY A 260 4.13 7.87 -21.44
N GLU A 261 4.43 6.97 -20.51
CA GLU A 261 3.42 6.24 -19.77
C GLU A 261 2.99 7.02 -18.51
N ASN A 262 1.66 7.05 -18.28
CA ASN A 262 1.04 7.65 -17.12
CA ASN A 262 1.04 7.66 -17.11
C ASN A 262 0.84 6.57 -16.05
N VAL A 263 1.59 6.68 -14.96
CA VAL A 263 1.53 5.64 -13.95
C VAL A 263 0.84 6.20 -12.70
N LEU A 264 -0.08 5.43 -12.12
CA LEU A 264 -0.75 5.75 -10.86
C LEU A 264 -0.05 4.94 -9.77
N ILE A 265 0.42 5.66 -8.73
CA ILE A 265 0.99 5.01 -7.55
C ILE A 265 0.04 5.27 -6.37
N VAL A 266 -0.54 4.17 -5.89
CA VAL A 266 -1.35 4.18 -4.70
C VAL A 266 -0.42 3.89 -3.53
N HIS A 267 -0.47 4.72 -2.49
CA HIS A 267 0.42 4.56 -1.36
C HIS A 267 -0.45 4.50 -0.10
N SER A 268 -0.22 3.52 0.76
CA SER A 268 -0.98 3.47 2.00
C SER A 268 -0.04 3.37 3.19
N GLN A 269 -0.54 3.86 4.33
CA GLN A 269 0.16 3.74 5.61
C GLN A 269 -0.92 3.69 6.69
N ALA A 270 -1.08 2.52 7.31
CA ALA A 270 -2.20 2.30 8.22
C ALA A 270 -1.96 2.84 9.63
N ASN A 271 -0.74 3.29 9.99
CA ASN A 271 -0.46 3.65 11.37
C ASN A 271 0.36 4.93 11.59
N ARG A 272 1.15 5.33 10.60
CA ARG A 272 2.14 6.38 10.77
C ARG A 272 2.24 7.18 9.47
N ASP A 273 2.53 8.46 9.59
CA ASP A 273 2.62 9.33 8.42
C ASP A 273 3.78 8.91 7.48
N SER A 274 3.60 9.18 6.17
CA SER A 274 4.62 9.01 5.16
C SER A 274 4.67 10.23 4.22
N ARG A 275 5.82 10.47 3.57
CA ARG A 275 5.97 11.63 2.69
C ARG A 275 6.59 11.13 1.38
N PRO A 276 5.78 10.55 0.49
CA PRO A 276 6.27 10.01 -0.77
C PRO A 276 6.84 11.07 -1.69
N HIS A 277 7.85 10.63 -2.43
CA HIS A 277 8.61 11.49 -3.32
C HIS A 277 9.20 10.60 -4.41
N LEU A 278 9.02 10.98 -5.68
CA LEU A 278 9.62 10.28 -6.80
C LEU A 278 10.86 11.05 -7.22
N ILE A 279 12.04 10.51 -6.90
CA ILE A 279 13.32 11.17 -7.16
C ILE A 279 13.58 11.20 -8.66
N GLY A 280 13.62 12.42 -9.18
CA GLY A 280 13.83 12.65 -10.60
C GLY A 280 12.52 12.94 -11.31
N GLY A 281 11.38 12.78 -10.61
CA GLY A 281 10.09 13.12 -11.16
C GLY A 281 9.29 14.02 -10.24
N HIS A 282 7.97 13.94 -10.39
CA HIS A 282 7.01 14.79 -9.73
C HIS A 282 5.72 14.00 -9.57
N GLY A 283 4.81 14.54 -8.76
CA GLY A 283 3.42 14.14 -8.79
C GLY A 283 2.65 15.11 -9.70
N ASP A 284 2.34 14.66 -10.90
CA ASP A 284 1.64 15.52 -11.84
C ASP A 284 0.23 15.84 -11.36
N TYR A 285 -0.46 14.80 -10.85
CA TYR A 285 -1.78 14.91 -10.26
C TYR A 285 -1.76 14.06 -9.00
N VAL A 286 -2.06 14.68 -7.87
CA VAL A 286 -1.98 14.00 -6.58
C VAL A 286 -3.23 14.24 -5.75
N TRP A 287 -3.77 13.15 -5.25
CA TRP A 287 -4.84 13.19 -4.26
C TRP A 287 -4.22 12.78 -2.91
N GLU A 288 -3.61 13.70 -2.15
CA GLU A 288 -2.79 13.23 -1.03
CA GLU A 288 -2.82 13.37 -0.96
C GLU A 288 -3.70 12.63 0.05
N THR A 289 -4.92 13.15 0.21
CA THR A 289 -5.88 12.58 1.15
C THR A 289 -6.63 11.41 0.58
N GLY A 290 -6.42 11.16 -0.72
CA GLY A 290 -6.78 9.93 -1.36
C GLY A 290 -8.22 9.86 -1.85
N LYS A 291 -8.94 10.98 -1.98
CA LYS A 291 -10.39 10.89 -2.17
C LYS A 291 -10.80 11.64 -3.45
N PHE A 292 -11.44 10.90 -4.39
CA PHE A 292 -11.59 11.37 -5.76
C PHE A 292 -12.77 12.32 -5.89
N GLY A 293 -13.55 12.56 -4.83
CA GLY A 293 -14.52 13.65 -4.82
C GLY A 293 -13.86 15.03 -4.81
N ASN A 294 -12.56 15.08 -4.46
CA ASN A 294 -11.76 16.30 -4.44
C ASN A 294 -10.88 16.33 -5.69
N ALA A 295 -10.71 17.53 -6.26
CA ALA A 295 -9.78 17.68 -7.37
C ALA A 295 -8.36 17.35 -6.90
N PRO A 296 -7.51 16.79 -7.77
CA PRO A 296 -6.10 16.57 -7.43
C PRO A 296 -5.34 17.88 -7.40
N GLU A 297 -4.26 17.93 -6.63
CA GLU A 297 -3.29 19.00 -6.71
CA GLU A 297 -3.30 19.01 -6.73
C GLU A 297 -2.31 18.66 -7.85
N VAL A 298 -1.67 19.70 -8.41
CA VAL A 298 -0.78 19.53 -9.54
C VAL A 298 0.65 19.88 -9.21
N GLY A 299 1.58 19.13 -9.83
CA GLY A 299 2.96 19.50 -9.89
C GLY A 299 3.67 19.42 -8.54
N LEU A 300 3.38 18.39 -7.73
CA LEU A 300 4.01 18.29 -6.41
C LEU A 300 5.42 17.70 -6.50
N GLU A 301 6.29 18.05 -5.55
CA GLU A 301 7.58 17.40 -5.36
C GLU A 301 7.47 16.24 -4.39
N THR A 302 6.78 16.49 -3.25
CA THR A 302 6.62 15.51 -2.17
C THR A 302 5.19 15.65 -1.68
N TRP A 303 4.53 14.53 -1.40
CA TRP A 303 3.17 14.60 -0.85
C TRP A 303 3.13 13.90 0.51
N PHE A 304 1.97 13.92 1.17
CA PHE A 304 1.90 13.48 2.56
C PHE A 304 0.74 12.51 2.67
N ILE A 305 1.05 11.34 3.23
CA ILE A 305 0.06 10.32 3.47
C ILE A 305 -0.10 10.26 4.98
N ARG A 306 -1.27 10.70 5.45
CA ARG A 306 -1.58 10.66 6.87
CA ARG A 306 -1.70 10.64 6.83
C ARG A 306 -1.69 9.21 7.33
N GLY A 307 -1.06 8.92 8.49
CA GLY A 307 -1.25 7.63 9.11
C GLY A 307 -2.73 7.26 9.20
N GLY A 308 -3.10 6.06 8.76
CA GLY A 308 -4.51 5.65 8.68
C GLY A 308 -5.19 6.01 7.37
N SER A 309 -4.40 6.22 6.33
CA SER A 309 -4.98 6.60 5.05
C SER A 309 -4.17 6.06 3.89
N ALA A 310 -4.82 6.19 2.70
CA ALA A 310 -4.13 5.95 1.45
C ALA A 310 -4.32 7.18 0.58
N GLY A 311 -3.29 7.42 -0.22
CA GLY A 311 -3.28 8.49 -1.21
C GLY A 311 -2.85 7.94 -2.58
N ALA A 312 -2.99 8.80 -3.59
CA ALA A 312 -2.67 8.37 -4.95
C ALA A 312 -2.05 9.53 -5.72
N ALA A 313 -1.08 9.18 -6.56
CA ALA A 313 -0.35 10.17 -7.35
C ALA A 313 -0.13 9.59 -8.74
N MET A 314 -0.31 10.42 -9.75
CA MET A 314 -0.09 10.01 -11.12
CA MET A 314 0.01 9.93 -11.07
CA MET A 314 -0.11 10.04 -11.13
C MET A 314 1.06 10.83 -11.69
N TYR A 315 1.91 10.20 -12.48
CA TYR A 315 3.02 10.85 -13.14
C TYR A 315 3.23 10.25 -14.54
N LYS A 316 3.42 11.16 -15.53
CA LYS A 316 3.79 10.74 -16.88
CA LYS A 316 3.78 10.74 -16.89
C LYS A 316 5.30 10.85 -17.04
N PHE A 317 5.97 9.73 -17.21
CA PHE A 317 7.42 9.71 -17.31
C PHE A 317 7.93 10.43 -18.57
N MET A 318 8.96 11.25 -18.37
CA MET A 318 9.50 12.11 -19.42
C MET A 318 10.94 11.73 -19.77
N GLN A 319 11.59 11.01 -18.87
CA GLN A 319 12.98 10.64 -19.01
C GLN A 319 13.16 9.17 -18.67
N PRO A 320 14.07 8.47 -19.38
CA PRO A 320 14.47 7.11 -19.01
C PRO A 320 15.43 7.12 -17.83
N GLY A 321 15.67 5.92 -17.32
CA GLY A 321 16.72 5.71 -16.34
C GLY A 321 16.13 5.20 -15.01
N ILE A 322 16.93 5.25 -13.96
CA ILE A 322 16.54 4.81 -12.62
CA ILE A 322 16.46 4.80 -12.66
C ILE A 322 15.88 6.00 -11.91
N TYR A 323 14.74 5.74 -11.29
CA TYR A 323 14.16 6.66 -10.32
C TYR A 323 14.08 5.90 -9.01
N ALA A 324 14.20 6.62 -7.89
CA ALA A 324 13.87 6.02 -6.60
C ALA A 324 12.56 6.66 -6.12
N TYR A 325 11.69 5.86 -5.52
CA TYR A 325 10.50 6.32 -4.86
C TYR A 325 10.72 6.05 -3.38
N VAL A 326 10.60 7.11 -2.58
CA VAL A 326 11.04 7.08 -1.21
C VAL A 326 10.01 7.78 -0.34
N THR A 327 10.01 7.48 0.96
CA THR A 327 9.48 8.50 1.88
C THR A 327 10.61 9.51 2.08
N HIS A 328 10.30 10.82 2.09
CA HIS A 328 11.40 11.78 2.13
C HIS A 328 11.73 12.23 3.55
N ASN A 329 11.52 11.37 4.56
CA ASN A 329 12.43 11.32 5.67
C ASN A 329 13.57 10.43 5.20
N LEU A 330 14.71 11.03 4.85
CA LEU A 330 15.76 10.32 4.14
C LEU A 330 16.46 9.33 5.05
N ILE A 331 16.39 9.53 6.36
CA ILE A 331 16.91 8.50 7.27
C ILE A 331 16.09 7.20 7.15
N GLU A 332 14.77 7.35 7.13
CA GLU A 332 13.87 6.21 6.93
C GLU A 332 14.14 5.57 5.56
N ALA A 333 14.28 6.40 4.53
CA ALA A 333 14.39 5.88 3.17
C ALA A 333 15.68 5.08 3.03
N ALA A 334 16.81 5.66 3.46
CA ALA A 334 18.11 5.06 3.17
C ALA A 334 18.57 4.10 4.25
N ASP A 335 18.20 4.37 5.50
CA ASP A 335 18.71 3.62 6.65
C ASP A 335 17.68 2.64 7.24
N LEU A 336 16.37 2.90 7.13
CA LEU A 336 15.41 1.98 7.75
C LEU A 336 14.65 1.11 6.76
N GLY A 337 14.79 1.35 5.44
CA GLY A 337 14.28 0.42 4.44
C GLY A 337 13.33 1.00 3.39
N ALA A 338 12.97 2.29 3.43
CA ALA A 338 11.83 2.77 2.64
C ALA A 338 12.22 3.39 1.30
N THR A 339 12.77 2.57 0.41
CA THR A 339 13.16 2.99 -0.95
C THR A 339 12.70 1.91 -1.92
N ALA A 340 11.98 2.33 -2.99
CA ALA A 340 11.70 1.50 -4.15
C ALA A 340 12.41 2.11 -5.36
N HIS A 341 12.60 1.30 -6.42
CA HIS A 341 13.13 1.79 -7.67
C HIS A 341 12.10 1.64 -8.79
N PHE A 342 12.16 2.59 -9.74
CA PHE A 342 11.61 2.42 -11.06
C PHE A 342 12.74 2.39 -12.07
N LYS A 343 12.63 1.45 -13.01
CA LYS A 343 13.50 1.38 -14.17
CA LYS A 343 13.50 1.40 -14.17
C LYS A 343 12.66 1.79 -15.38
N VAL A 344 13.03 2.92 -16.00
CA VAL A 344 12.24 3.49 -17.09
C VAL A 344 13.02 3.41 -18.41
N GLU A 345 12.36 2.88 -19.42
CA GLU A 345 12.94 2.76 -20.75
C GLU A 345 12.48 3.93 -21.64
N GLY A 346 13.33 4.28 -22.60
CA GLY A 346 12.97 5.32 -23.55
C GLY A 346 14.16 6.21 -23.89
N LYS A 347 13.85 7.32 -24.59
CA LYS A 347 14.85 8.22 -25.13
C LYS A 347 15.11 9.40 -24.19
N TRP A 348 16.39 9.68 -23.95
CA TRP A 348 16.79 10.80 -23.11
C TRP A 348 16.42 12.11 -23.78
N ASN A 349 15.87 13.05 -23.00
CA ASN A 349 15.45 14.35 -23.49
C ASN A 349 16.47 15.38 -23.00
N ASP A 350 17.36 15.84 -23.91
CA ASP A 350 18.37 16.81 -23.55
C ASP A 350 17.82 18.22 -23.32
N ASP A 351 16.65 18.54 -23.87
CA ASP A 351 16.05 19.82 -23.58
C ASP A 351 15.72 19.95 -22.09
N LEU A 352 15.22 18.87 -21.48
CA LEU A 352 14.77 18.90 -20.08
C LEU A 352 15.98 18.91 -19.14
N MET A 353 17.03 18.18 -19.48
CA MET A 353 18.19 18.09 -18.62
C MET A 353 19.41 17.63 -19.41
N THR A 354 20.54 18.28 -19.16
CA THR A 354 21.77 17.89 -19.81
CA THR A 354 21.79 18.07 -19.89
C THR A 354 22.99 18.22 -18.93
N GLN A 355 23.95 17.28 -18.96
CA GLN A 355 25.28 17.51 -18.44
C GLN A 355 26.06 18.39 -19.44
N VAL A 356 26.18 19.68 -19.13
CA VAL A 356 26.84 20.63 -20.01
C VAL A 356 28.34 20.36 -20.03
N LYS A 357 28.94 20.15 -18.86
N LYS A 357 28.93 20.17 -18.85
CA LYS A 357 30.34 19.79 -18.78
CA LYS A 357 30.32 19.80 -18.73
C LYS A 357 30.48 18.71 -17.73
C LYS A 357 30.42 18.67 -17.73
N ALA A 358 31.06 17.57 -18.14
CA ALA A 358 31.30 16.45 -17.24
C ALA A 358 32.30 16.86 -16.19
N PRO A 359 32.36 16.14 -15.04
CA PRO A 359 33.34 16.38 -13.99
C PRO A 359 34.75 16.57 -14.52
N ALA A 360 35.36 17.68 -14.10
CA ALA A 360 36.66 18.09 -14.58
C ALA A 360 37.35 18.85 -13.45
N GLU A 361 38.68 18.98 -13.58
CA GLU A 361 39.51 19.58 -12.55
C GLU A 361 39.14 21.05 -12.55
N ILE A 362 39.16 21.65 -11.37
CA ILE A 362 38.75 23.04 -11.22
C ILE A 362 39.79 23.94 -11.86
N PRO A 363 39.41 24.93 -12.71
CA PRO A 363 40.33 25.97 -13.19
CA PRO A 363 40.33 25.97 -13.19
C PRO A 363 40.48 27.08 -12.17
CU CU B . -5.44 -9.66 13.10
CU CU C . -8.46 2.30 10.73
S SO4 D . 6.12 -4.79 -14.58
O1 SO4 D . 6.43 -4.33 -13.23
O2 SO4 D . 5.69 -6.15 -14.56
O3 SO4 D . 5.05 -3.99 -15.14
O4 SO4 D . 7.30 -4.68 -15.40
S SO4 E . 0.04 -13.54 -7.56
O1 SO4 E . -0.74 -13.18 -6.42
O2 SO4 E . 1.12 -14.38 -7.14
O3 SO4 E . 0.54 -12.35 -8.19
O4 SO4 E . -0.78 -14.25 -8.53
S SO4 F . -26.03 -16.89 8.93
O1 SO4 F . -26.97 -17.16 9.99
O2 SO4 F . -24.78 -17.51 9.24
O3 SO4 F . -25.85 -15.47 8.81
O4 SO4 F . -26.53 -17.42 7.68
S SO4 G . 17.78 -9.29 26.58
O1 SO4 G . 19.09 -9.84 26.32
O2 SO4 G . 17.18 -9.95 27.70
O3 SO4 G . 17.88 -7.87 26.86
O4 SO4 G . 16.94 -9.49 25.42
C1 GLC H . -16.08 16.50 -11.67
C2 GLC H . -17.40 16.53 -12.44
C3 GLC H . -18.57 15.87 -11.73
C4 GLC H . -18.12 14.62 -11.01
C5 GLC H . -17.03 14.98 -10.03
C6 GLC H . -16.57 13.79 -9.24
O2 GLC H . -17.75 17.87 -12.71
O3 GLC H . -19.57 15.54 -12.68
O4 GLC H . -19.20 14.06 -10.30
O5 GLC H . -15.89 15.42 -10.76
O6 GLC H . -15.96 12.85 -10.14
H2 GLC H . -17.25 16.06 -13.30
H3 GLC H . -18.93 16.51 -11.06
H4 GLC H . -17.78 13.98 -11.67
H5 GLC H . -17.35 15.69 -9.43
H61 GLC H . -17.34 13.36 -8.80
H62 GLC H . -15.93 14.07 -8.57
C1 FRU I . -15.44 19.61 -11.23
C2 FRU I . -15.40 18.56 -10.13
C3 FRU I . -15.58 19.06 -8.68
C4 FRU I . -14.87 17.95 -7.88
C5 FRU I . -13.67 17.64 -8.79
C6 FRU I . -13.10 16.23 -8.76
O1 FRU I . -14.72 20.77 -10.80
O2 FRU I . -16.43 17.65 -10.38
O3 FRU I . -16.92 19.25 -8.29
O4 FRU I . -14.53 18.39 -6.57
O5 FRU I . -14.13 17.92 -10.15
O6 FRU I . -12.01 16.03 -9.65
H11 FRU I . -16.37 19.84 -11.44
H12 FRU I . -15.02 19.24 -12.05
H3 FRU I . -15.08 19.89 -8.56
H4 FRU I . -15.46 17.16 -7.84
H5 FRU I . -12.94 18.27 -8.58
H61 FRU I . -13.81 15.59 -8.98
H62 FRU I . -12.81 16.03 -7.83
#